data_6ZL2
#
_entry.id   6ZL2
#
_entity_poly.entity_id   1
_entity_poly.type   'polydeoxyribonucleotide'
_entity_poly.pdbx_seq_one_letter_code
;(DT)(DG)(DA)(DG)(DG)(DG)(DT)(DG)(DG)(DG)(DT)(DA)(DG)(DG)(DG)(DT)(DG)(DG)(DG)(DC)
(DT)(DA)(DG)(DT)(DC)(DA)(DT)(DT)(DT)(DT)(DG)(DA)(DC)(DT)(DA)(DG)
;
_entity_poly.pdbx_strand_id   A
#